data_3ZG2
#
_entry.id   3ZG2
#
_cell.length_a   63.699
_cell.length_b   63.699
_cell.length_c   223.263
_cell.angle_alpha   90.00
_cell.angle_beta   90.00
_cell.angle_gamma   120.00
#
_symmetry.space_group_name_H-M   'P 31 2 1'
#
loop_
_entity.id
_entity.type
_entity.pdbx_description
1 polymer 'STEROL 14-ALPHA DEMETHYLASE'
2 non-polymer 'PROTOPORPHYRIN IX CONTAINING FE'
3 non-polymer (S)-2-(4-chlorophenyl)-2-pyridin-3-yl-1-[4-[4-(trifluoromethyl)phenyl]piperazin-1-yl]ethanone
4 water water
#
_entity_poly.entity_id   1
_entity_poly.type   'polypeptide(L)'
_entity_poly.pdbx_seq_one_letter_code
;AKKTPPVYPVTVPFLGHIVQFGKNPLEFMQRCKRDLKSGVFTISIGGQRVTIVGDPHEHSRFFSPRNEILSPREVYTIMT
PVFGEGVAYAAPYPRMREQLNFLAEELTIAKFQNFVPAIQHEVRKFMAENWKEDEGVINLLEDCGAMIINTACQCLFGED
LRKRLNARHFAQLLSKMESSLIPAAVFMPWLLRLPLPQSARCREARAELQKILGEIIVAREKEEASKDNNTSDLLGGLLK
AVYRDGTRMSLHEVCGMIVAAMFAGQHTSTITTSWSMLHLMHPKNKKWLDKLHKEIDEFPAQLNYDNVMDEMPFAERCVR
ESIRRDPPLLMVMRMVKAEVKVGSYVVPKGDIIACSPLLSHHDEEAFPNPRLWDPERDEKVDGAFIGFGAGVHKCIGQKF
ALLQVKTILATAFREYDFQLLRDEVPDPDYHTMVVGPTLNQCLVKYTRKKKLPSHHHHHH
;
_entity_poly.pdbx_strand_id   A
#
loop_
_chem_comp.id
_chem_comp.type
_chem_comp.name
_chem_comp.formula
HEM non-polymer 'PROTOPORPHYRIN IX CONTAINING FE' 'C34 H32 Fe N4 O4'
UDO non-polymer (S)-2-(4-chlorophenyl)-2-pyridin-3-yl-1-[4-[4-(trifluoromethyl)phenyl]piperazin-1-yl]ethanone 'C24 H21 Cl F3 N3 O'
#
# COMPACT_ATOMS: atom_id res chain seq x y z
N ALA A 1 6.69 14.59 30.36
CA ALA A 1 7.72 15.35 31.13
C ALA A 1 7.16 16.69 31.57
N LYS A 2 5.83 16.78 31.67
CA LYS A 2 5.18 18.07 31.75
C LYS A 2 5.72 18.84 30.55
N LYS A 3 6.14 18.07 29.54
CA LYS A 3 6.91 18.60 28.41
C LYS A 3 7.06 17.58 27.29
N THR A 4 7.66 18.02 26.20
CA THR A 4 7.88 17.18 25.02
C THR A 4 8.92 16.07 25.24
N PRO A 5 8.80 15.00 24.44
CA PRO A 5 9.76 13.90 24.37
C PRO A 5 11.19 14.41 24.18
N PRO A 6 12.19 13.55 24.40
CA PRO A 6 13.57 13.97 24.15
C PRO A 6 13.75 14.46 22.72
N VAL A 7 14.62 15.45 22.52
CA VAL A 7 14.94 15.93 21.18
C VAL A 7 16.28 15.36 20.71
N TYR A 8 16.46 15.24 19.41
CA TYR A 8 17.69 14.65 18.88
C TYR A 8 18.64 15.71 18.32
N PRO A 9 19.91 15.70 18.77
CA PRO A 9 20.91 16.70 18.37
C PRO A 9 21.10 16.89 16.87
N VAL A 10 20.96 18.12 16.40
CA VAL A 10 21.28 18.48 15.02
C VAL A 10 22.68 19.09 14.87
N THR A 11 23.55 18.36 14.18
CA THR A 11 24.90 18.84 13.87
C THR A 11 24.91 19.84 12.72
N VAL A 12 24.15 19.56 11.66
CA VAL A 12 24.04 20.45 10.52
C VAL A 12 22.60 20.96 10.34
N PRO A 13 22.29 22.13 10.93
CA PRO A 13 20.93 22.67 10.96
C PRO A 13 20.32 23.03 9.60
N PHE A 14 19.03 23.34 9.61
CA PHE A 14 18.24 23.63 8.41
C PHE A 14 18.08 22.46 7.44
N LEU A 15 18.80 21.37 7.73
CA LEU A 15 18.55 20.10 7.08
C LEU A 15 17.81 19.22 8.08
N GLY A 16 18.22 19.33 9.33
CA GLY A 16 17.76 18.44 10.38
C GLY A 16 18.51 17.13 10.29
N HIS A 17 17.77 16.03 10.20
CA HIS A 17 18.36 14.70 10.15
C HIS A 17 18.12 14.07 8.79
N ILE A 18 17.89 14.95 7.83
CA ILE A 18 17.46 14.62 6.47
C ILE A 18 18.42 13.75 5.67
N VAL A 19 19.68 13.71 6.07
CA VAL A 19 20.69 13.06 5.25
C VAL A 19 21.02 11.63 5.65
N GLN A 20 21.39 11.41 6.90
CA GLN A 20 21.56 10.05 7.38
C GLN A 20 20.24 9.29 7.27
N PHE A 21 19.14 10.04 7.31
CA PHE A 21 17.81 9.44 7.24
C PHE A 21 17.58 8.82 5.87
N GLY A 22 17.60 9.66 4.85
CA GLY A 22 17.42 9.21 3.47
C GLY A 22 18.23 7.98 3.13
N LYS A 23 19.46 7.90 3.65
CA LYS A 23 20.33 6.77 3.35
C LYS A 23 19.75 5.47 3.86
N ASN A 24 19.62 5.38 5.18
CA ASN A 24 18.97 4.24 5.80
C ASN A 24 18.04 4.75 6.90
N PRO A 25 16.74 4.80 6.61
CA PRO A 25 15.81 5.24 7.64
C PRO A 25 15.84 4.30 8.85
N LEU A 26 16.10 3.03 8.62
CA LEU A 26 16.08 2.05 9.69
C LEU A 26 17.30 2.13 10.59
N GLU A 27 18.48 2.04 10.00
CA GLU A 27 19.75 2.23 10.71
C GLU A 27 19.73 3.49 11.56
N PHE A 28 19.30 4.58 10.92
CA PHE A 28 19.19 5.87 11.59
C PHE A 28 18.20 5.83 12.75
N MET A 29 16.96 5.43 12.47
CA MET A 29 15.89 5.51 13.47
C MET A 29 16.26 4.70 14.72
N GLN A 30 16.79 3.50 14.52
CA GLN A 30 17.18 2.63 15.61
C GLN A 30 18.24 3.25 16.50
N ARG A 31 19.20 3.95 15.88
CA ARG A 31 20.25 4.64 16.60
C ARG A 31 19.65 5.62 17.61
N CYS A 32 18.79 6.51 17.13
CA CYS A 32 18.17 7.52 17.98
C CYS A 32 17.45 6.90 19.17
N LYS A 33 16.57 5.94 18.89
CA LYS A 33 15.71 5.35 19.90
C LYS A 33 16.51 4.72 21.04
N ARG A 34 17.61 4.06 20.68
CA ARG A 34 18.52 3.49 21.66
C ARG A 34 19.29 4.60 22.38
N ASP A 35 19.96 5.44 21.62
CA ASP A 35 20.77 6.54 22.17
C ASP A 35 19.92 7.49 23.00
N LEU A 36 18.75 7.83 22.49
CA LEU A 36 17.84 8.64 23.28
C LEU A 36 17.45 7.85 24.53
N LYS A 37 17.67 6.55 24.51
CA LYS A 37 17.28 5.72 25.65
C LYS A 37 15.75 5.72 25.73
N SER A 38 15.11 6.20 24.68
CA SER A 38 13.65 6.32 24.61
C SER A 38 13.08 5.98 23.24
N GLY A 39 12.11 5.09 23.21
CA GLY A 39 11.47 4.66 21.98
C GLY A 39 10.62 5.76 21.35
N VAL A 40 10.24 6.74 22.17
CA VAL A 40 9.58 7.94 21.70
C VAL A 40 10.56 9.12 21.72
N PHE A 41 10.55 9.93 20.67
CA PHE A 41 11.51 11.02 20.51
C PHE A 41 11.20 11.95 19.35
N THR A 42 11.64 13.20 19.47
CA THR A 42 11.47 14.18 18.40
C THR A 42 12.73 14.24 17.54
N ILE A 43 12.53 14.36 16.22
CA ILE A 43 13.62 14.69 15.33
C ILE A 43 13.36 16.00 14.59
N SER A 44 14.43 16.71 14.30
CA SER A 44 14.33 17.92 13.50
C SER A 44 14.41 17.52 12.03
N ILE A 45 13.48 18.08 11.24
CA ILE A 45 13.54 17.98 9.79
C ILE A 45 13.14 19.35 9.24
N GLY A 46 14.12 20.07 8.68
CA GLY A 46 13.91 21.41 8.15
C GLY A 46 13.41 22.43 9.16
N GLY A 47 13.89 22.33 10.40
CA GLY A 47 13.39 23.18 11.48
C GLY A 47 12.02 22.75 11.97
N GLN A 48 11.54 21.63 11.44
CA GLN A 48 10.22 21.10 11.78
C GLN A 48 10.37 19.93 12.73
N ARG A 49 9.81 20.10 13.94
CA ARG A 49 9.77 19.03 14.93
C ARG A 49 9.02 17.82 14.37
N VAL A 50 9.67 16.66 14.41
CA VAL A 50 9.01 15.42 14.04
C VAL A 50 9.20 14.41 15.16
N THR A 51 8.13 14.14 15.89
CA THR A 51 8.17 13.14 16.96
C THR A 51 7.66 11.80 16.45
N ILE A 52 8.57 10.82 16.47
CA ILE A 52 8.31 9.46 16.02
C ILE A 52 7.87 8.60 17.21
N VAL A 53 6.73 7.93 17.11
CA VAL A 53 6.29 6.98 18.14
C VAL A 53 6.80 5.58 17.81
N GLY A 54 7.78 5.12 18.58
CA GLY A 54 8.54 3.93 18.21
C GLY A 54 8.60 2.85 19.26
N ASP A 55 7.86 3.06 20.35
CA ASP A 55 7.65 2.05 21.39
C ASP A 55 6.30 1.41 21.09
N PRO A 56 6.30 0.14 20.66
CA PRO A 56 5.06 -0.52 20.22
C PRO A 56 3.93 -0.41 21.24
N HIS A 57 4.27 -0.38 22.53
CA HIS A 57 3.28 -0.26 23.58
C HIS A 57 2.45 1.02 23.44
N GLU A 58 2.87 1.93 22.58
CA GLU A 58 2.21 3.23 22.55
C GLU A 58 1.45 3.51 21.26
N HIS A 59 1.39 2.54 20.35
CA HIS A 59 0.74 2.78 19.07
C HIS A 59 -0.66 3.34 19.24
N SER A 60 -1.36 2.84 20.26
CA SER A 60 -2.73 3.28 20.52
C SER A 60 -2.81 4.79 20.66
N ARG A 61 -1.75 5.39 21.18
CA ARG A 61 -1.73 6.84 21.39
C ARG A 61 -1.77 7.57 20.07
N PHE A 62 -1.13 6.97 19.06
CA PHE A 62 -1.06 7.51 17.72
C PHE A 62 -2.34 7.29 16.91
N PHE A 63 -2.84 6.05 16.92
CA PHE A 63 -3.90 5.64 16.00
C PHE A 63 -5.33 5.86 16.49
N SER A 64 -5.52 6.15 17.76
CA SER A 64 -6.86 6.26 18.33
C SER A 64 -7.55 7.62 18.26
N PRO A 65 -6.77 8.72 18.38
CA PRO A 65 -7.45 10.00 18.51
C PRO A 65 -8.15 10.41 17.21
N ARG A 66 -9.18 11.25 17.31
CA ARG A 66 -9.92 11.70 16.13
C ARG A 66 -9.08 12.59 15.22
N ASN A 67 -9.59 12.88 14.03
CA ASN A 67 -8.87 13.72 13.08
C ASN A 67 -8.66 15.16 13.56
N GLU A 68 -9.55 15.65 14.41
CA GLU A 68 -9.47 17.00 14.97
C GLU A 68 -8.33 17.16 15.98
N ILE A 69 -7.89 16.06 16.57
CA ILE A 69 -6.74 16.08 17.47
C ILE A 69 -5.47 15.69 16.74
N LEU A 70 -5.50 14.57 16.02
CA LEU A 70 -4.39 14.22 15.14
C LEU A 70 -4.87 14.21 13.70
N SER A 71 -4.52 15.26 12.97
CA SER A 71 -4.98 15.49 11.61
C SER A 71 -4.04 14.86 10.59
N PRO A 72 -4.58 14.05 9.66
CA PRO A 72 -3.77 13.51 8.59
C PRO A 72 -3.70 14.43 7.37
N ARG A 73 -4.70 15.30 7.22
CA ARG A 73 -4.79 16.24 6.11
C ARG A 73 -3.48 16.89 5.68
N GLU A 74 -2.71 17.36 6.66
CA GLU A 74 -1.58 18.26 6.39
C GLU A 74 -0.36 17.57 5.82
N VAL A 75 -0.04 16.40 6.35
CA VAL A 75 1.13 15.69 5.90
C VAL A 75 0.89 15.16 4.49
N TYR A 76 -0.38 15.11 4.12
CA TYR A 76 -0.81 14.45 2.88
C TYR A 76 -1.27 15.43 1.81
N THR A 77 -0.73 16.64 1.86
CA THR A 77 -1.02 17.71 0.91
C THR A 77 -0.48 17.31 -0.46
N ILE A 78 0.54 16.46 -0.43
CA ILE A 78 1.28 16.07 -1.62
C ILE A 78 0.41 15.14 -2.45
N MET A 79 -0.87 15.09 -2.12
CA MET A 79 -1.74 14.13 -2.78
C MET A 79 -2.87 14.83 -3.52
N THR A 80 -3.11 16.08 -3.19
CA THR A 80 -4.32 16.73 -3.68
C THR A 80 -4.40 16.83 -5.20
N PRO A 81 -3.25 17.04 -5.88
CA PRO A 81 -3.35 17.22 -7.33
C PRO A 81 -3.52 15.89 -8.05
N VAL A 82 -3.19 14.80 -7.35
CA VAL A 82 -3.40 13.45 -7.83
C VAL A 82 -4.85 13.02 -7.64
N PHE A 83 -5.54 13.62 -6.67
CA PHE A 83 -6.91 13.24 -6.35
C PHE A 83 -7.95 14.32 -6.68
N GLY A 84 -7.54 15.58 -6.62
CA GLY A 84 -8.45 16.69 -6.86
C GLY A 84 -8.81 17.37 -5.56
N GLU A 85 -8.78 18.70 -5.55
CA GLU A 85 -9.20 19.47 -4.40
C GLU A 85 -10.60 19.02 -4.00
N GLY A 86 -10.81 18.76 -2.71
CA GLY A 86 -12.10 18.32 -2.22
C GLY A 86 -12.31 16.82 -2.32
N VAL A 87 -11.24 16.10 -2.64
CA VAL A 87 -11.26 14.64 -2.63
C VAL A 87 -10.25 14.13 -1.60
N ALA A 88 -10.62 13.09 -0.89
CA ALA A 88 -9.76 12.56 0.15
C ALA A 88 -9.43 13.66 1.15
N TYR A 89 -8.14 13.90 1.38
CA TYR A 89 -7.71 14.81 2.42
C TYR A 89 -8.11 16.25 2.14
N ALA A 90 -7.99 16.62 0.88
CA ALA A 90 -8.35 17.97 0.47
C ALA A 90 -9.81 18.15 0.87
N ALA A 91 -10.60 17.12 0.66
CA ALA A 91 -11.96 17.16 1.14
C ALA A 91 -11.95 17.29 2.66
N PRO A 92 -12.94 17.99 3.22
CA PRO A 92 -13.14 18.09 4.67
C PRO A 92 -13.55 16.76 5.33
N TYR A 93 -13.19 16.57 6.59
CA TYR A 93 -13.32 15.28 7.28
C TYR A 93 -14.67 14.60 7.21
N PRO A 94 -15.77 15.38 7.34
CA PRO A 94 -17.07 14.74 7.15
C PRO A 94 -17.21 14.08 5.78
N ARG A 95 -16.87 14.80 4.72
CA ARG A 95 -16.98 14.27 3.37
C ARG A 95 -15.85 13.32 2.99
N MET A 96 -14.63 13.60 3.44
CA MET A 96 -13.53 12.65 3.27
C MET A 96 -13.97 11.29 3.81
N ARG A 97 -14.44 11.30 5.06
CA ARG A 97 -14.96 10.10 5.69
C ARG A 97 -16.03 9.46 4.82
N GLU A 98 -17.01 10.28 4.42
CA GLU A 98 -18.08 9.78 3.57
C GLU A 98 -17.52 9.07 2.35
N GLN A 99 -16.54 9.67 1.70
CA GLN A 99 -15.92 9.14 0.49
C GLN A 99 -15.30 7.77 0.73
N LEU A 100 -14.42 7.69 1.74
CA LEU A 100 -13.78 6.43 2.08
C LEU A 100 -14.79 5.31 2.30
N ASN A 101 -15.93 5.62 2.91
CA ASN A 101 -17.00 4.64 3.11
C ASN A 101 -17.54 4.11 1.81
N PHE A 102 -17.70 5.01 0.83
CA PHE A 102 -18.15 4.62 -0.50
C PHE A 102 -17.21 3.52 -1.00
N LEU A 103 -15.95 3.89 -1.15
CA LEU A 103 -14.91 2.99 -1.63
C LEU A 103 -14.87 1.72 -0.79
N ALA A 104 -14.95 1.88 0.52
CA ALA A 104 -14.98 0.77 1.46
C ALA A 104 -16.09 -0.21 1.09
N GLU A 105 -17.29 0.30 0.87
CA GLU A 105 -18.43 -0.56 0.58
C GLU A 105 -18.25 -1.31 -0.74
N GLU A 106 -17.36 -0.79 -1.58
CA GLU A 106 -17.03 -1.41 -2.86
C GLU A 106 -16.05 -2.56 -2.69
N LEU A 107 -15.18 -2.44 -1.69
CA LEU A 107 -14.09 -3.40 -1.48
C LEU A 107 -14.44 -4.46 -0.44
N THR A 108 -15.67 -4.44 0.05
CA THR A 108 -16.08 -5.39 1.08
C THR A 108 -16.12 -6.81 0.53
N ILE A 109 -15.99 -7.78 1.43
CA ILE A 109 -16.06 -9.19 1.07
C ILE A 109 -17.37 -9.61 0.39
N ALA A 110 -18.34 -8.70 0.35
CA ALA A 110 -19.57 -8.96 -0.40
C ALA A 110 -19.27 -9.05 -1.89
N LYS A 111 -18.44 -8.12 -2.37
CA LYS A 111 -18.19 -7.95 -3.79
C LYS A 111 -17.06 -8.84 -4.31
N PHE A 112 -16.57 -9.75 -3.46
CA PHE A 112 -15.37 -10.53 -3.76
C PHE A 112 -15.64 -11.90 -4.38
N GLN A 113 -16.89 -12.18 -4.73
CA GLN A 113 -17.24 -13.53 -5.18
C GLN A 113 -16.69 -13.86 -6.55
N ASN A 114 -16.70 -12.87 -7.44
CA ASN A 114 -16.19 -13.04 -8.79
C ASN A 114 -14.69 -12.81 -8.85
N PHE A 115 -14.13 -12.32 -7.74
CA PHE A 115 -12.76 -11.83 -7.69
C PHE A 115 -11.70 -12.93 -7.79
N VAL A 116 -11.90 -14.03 -7.07
CA VAL A 116 -10.90 -15.10 -7.04
C VAL A 116 -10.72 -15.78 -8.39
N PRO A 117 -11.82 -16.04 -9.12
CA PRO A 117 -11.67 -16.52 -10.49
C PRO A 117 -11.15 -15.45 -11.46
N ALA A 118 -11.62 -14.21 -11.30
CA ALA A 118 -11.16 -13.10 -12.12
C ALA A 118 -9.65 -12.90 -12.04
N ILE A 119 -9.11 -13.10 -10.85
CA ILE A 119 -7.66 -12.99 -10.63
C ILE A 119 -6.91 -14.16 -11.27
N GLN A 120 -7.34 -15.39 -11.00
CA GLN A 120 -6.69 -16.56 -11.58
C GLN A 120 -6.53 -16.45 -13.09
N HIS A 121 -7.59 -16.06 -13.79
CA HIS A 121 -7.58 -15.89 -15.25
C HIS A 121 -6.55 -14.86 -15.69
N GLU A 122 -6.54 -13.72 -15.00
CA GLU A 122 -5.70 -12.60 -15.42
C GLU A 122 -4.21 -12.79 -15.11
N VAL A 123 -3.90 -13.56 -14.08
CA VAL A 123 -2.51 -13.94 -13.82
C VAL A 123 -2.09 -14.96 -14.86
N ARG A 124 -2.95 -15.94 -15.09
CA ARG A 124 -2.66 -17.05 -15.98
C ARG A 124 -2.45 -16.63 -17.42
N LYS A 125 -3.19 -15.61 -17.85
CA LYS A 125 -2.86 -14.96 -19.11
C LYS A 125 -1.40 -14.55 -19.10
N PHE A 126 -1.08 -13.60 -18.23
CA PHE A 126 0.23 -12.94 -18.21
C PHE A 126 1.38 -13.93 -18.28
N MET A 127 1.26 -15.04 -17.58
CA MET A 127 2.29 -16.06 -17.56
C MET A 127 2.54 -16.64 -18.95
N ALA A 128 1.47 -17.00 -19.64
CA ALA A 128 1.57 -17.52 -21.00
C ALA A 128 2.13 -16.50 -22.00
N GLU A 129 2.02 -15.21 -21.71
CA GLU A 129 2.53 -14.18 -22.60
C GLU A 129 4.01 -13.84 -22.39
N ASN A 130 4.47 -13.84 -21.13
CA ASN A 130 5.83 -13.41 -20.83
C ASN A 130 6.72 -14.53 -20.30
N TRP A 131 6.12 -15.43 -19.52
CA TRP A 131 6.84 -16.63 -19.13
C TRP A 131 6.43 -17.70 -20.13
N LYS A 132 6.87 -17.48 -21.36
CA LYS A 132 6.48 -18.31 -22.50
C LYS A 132 7.26 -19.61 -22.47
N GLU A 133 8.57 -19.49 -22.32
CA GLU A 133 9.48 -20.61 -22.52
C GLU A 133 9.62 -21.50 -21.29
N ASP A 134 10.22 -22.66 -21.50
CA ASP A 134 10.43 -23.65 -20.44
C ASP A 134 11.30 -23.09 -19.32
N GLU A 135 12.20 -22.18 -19.67
CA GLU A 135 13.06 -21.49 -18.71
C GLU A 135 13.38 -20.07 -19.21
N GLY A 136 13.41 -19.10 -18.31
CA GLY A 136 13.68 -17.73 -18.68
C GLY A 136 14.16 -16.86 -17.53
N VAL A 137 14.49 -15.61 -17.83
CA VAL A 137 14.93 -14.66 -16.81
C VAL A 137 14.13 -13.36 -16.87
N ILE A 138 13.33 -13.14 -15.84
CA ILE A 138 12.48 -11.96 -15.71
C ILE A 138 12.82 -11.15 -14.46
N ASN A 139 12.44 -9.88 -14.46
CA ASN A 139 12.54 -9.03 -13.27
C ASN A 139 11.22 -9.08 -12.51
N LEU A 140 11.30 -9.58 -11.28
CA LEU A 140 10.10 -9.88 -10.50
C LEU A 140 9.34 -8.64 -10.06
N LEU A 141 10.07 -7.61 -9.63
CA LEU A 141 9.45 -6.34 -9.26
C LEU A 141 8.65 -5.75 -10.40
N GLU A 142 9.08 -5.98 -11.63
CA GLU A 142 8.36 -5.44 -12.79
C GLU A 142 7.20 -6.33 -13.22
N ASP A 143 7.40 -7.65 -13.13
CA ASP A 143 6.37 -8.62 -13.49
C ASP A 143 5.21 -8.63 -12.50
N CYS A 144 5.53 -8.47 -11.21
CA CYS A 144 4.51 -8.29 -10.20
C CYS A 144 3.76 -6.97 -10.43
N GLY A 145 4.50 -5.89 -10.63
CA GLY A 145 3.89 -4.60 -10.89
C GLY A 145 2.80 -4.67 -11.94
N ALA A 146 3.03 -5.50 -12.97
CA ALA A 146 2.09 -5.64 -14.06
C ALA A 146 0.93 -6.60 -13.75
N MET A 147 1.24 -7.72 -13.09
CA MET A 147 0.20 -8.64 -12.66
C MET A 147 -0.76 -7.99 -11.67
N ILE A 148 -0.23 -7.13 -10.82
CA ILE A 148 -1.05 -6.45 -9.82
C ILE A 148 -2.05 -5.52 -10.50
N ILE A 149 -1.57 -4.62 -11.37
CA ILE A 149 -2.47 -3.71 -12.06
C ILE A 149 -3.47 -4.46 -12.92
N ASN A 150 -3.03 -5.58 -13.50
CA ASN A 150 -3.89 -6.36 -14.37
C ASN A 150 -5.08 -6.96 -13.62
N THR A 151 -4.80 -7.72 -12.57
CA THR A 151 -5.85 -8.41 -11.83
C THR A 151 -6.80 -7.46 -11.10
N ALA A 152 -6.27 -6.35 -10.60
CA ALA A 152 -7.09 -5.34 -9.94
C ALA A 152 -8.14 -4.76 -10.89
N CYS A 153 -7.68 -4.34 -12.07
CA CYS A 153 -8.58 -3.84 -13.10
C CYS A 153 -9.59 -4.92 -13.47
N GLN A 154 -9.10 -6.15 -13.65
CA GLN A 154 -9.96 -7.29 -13.95
C GLN A 154 -11.05 -7.42 -12.90
N CYS A 155 -10.71 -7.08 -11.65
CA CYS A 155 -11.66 -7.16 -10.54
C CYS A 155 -12.61 -5.96 -10.49
N LEU A 156 -12.06 -4.75 -10.56
CA LEU A 156 -12.82 -3.56 -10.21
C LEU A 156 -13.26 -2.72 -11.40
N PHE A 157 -12.90 -3.14 -12.60
CA PHE A 157 -13.27 -2.40 -13.80
C PHE A 157 -14.29 -3.19 -14.62
N GLY A 158 -15.32 -2.51 -15.11
CA GLY A 158 -16.37 -3.15 -15.90
C GLY A 158 -15.95 -3.39 -17.34
N GLU A 159 -16.50 -4.42 -17.96
CA GLU A 159 -16.04 -4.88 -19.27
C GLU A 159 -15.92 -3.75 -20.28
N ASP A 160 -16.91 -2.87 -20.28
CA ASP A 160 -16.89 -1.72 -21.17
C ASP A 160 -15.71 -0.79 -20.89
N LEU A 161 -15.44 -0.51 -19.62
CA LEU A 161 -14.30 0.34 -19.24
C LEU A 161 -12.94 -0.28 -19.58
N ARG A 162 -12.78 -1.56 -19.24
CA ARG A 162 -11.59 -2.31 -19.61
C ARG A 162 -11.37 -2.48 -21.11
N LYS A 163 -12.41 -2.27 -21.90
CA LYS A 163 -12.24 -2.29 -23.35
C LYS A 163 -11.69 -0.95 -23.80
N ARG A 164 -12.34 0.13 -23.37
CA ARG A 164 -11.89 1.48 -23.71
C ARG A 164 -10.79 2.01 -22.79
N LEU A 165 -10.13 1.07 -22.12
CA LEU A 165 -8.95 1.35 -21.31
C LEU A 165 -8.40 -0.04 -21.05
N ASN A 166 -7.08 -0.19 -21.06
CA ASN A 166 -6.56 -1.46 -20.58
C ASN A 166 -5.65 -1.23 -19.38
N ALA A 167 -5.29 -2.32 -18.71
CA ALA A 167 -4.45 -2.23 -17.53
C ALA A 167 -3.18 -1.44 -17.84
N ARG A 168 -2.46 -1.87 -18.88
CA ARG A 168 -1.19 -1.26 -19.23
C ARG A 168 -1.29 0.23 -19.54
N HIS A 169 -2.33 0.65 -20.23
CA HIS A 169 -2.51 2.08 -20.50
C HIS A 169 -2.81 2.85 -19.21
N PHE A 170 -3.62 2.25 -18.35
CA PHE A 170 -3.98 2.89 -17.09
C PHE A 170 -2.79 2.99 -16.15
N ALA A 171 -2.02 1.90 -16.06
CA ALA A 171 -0.80 1.91 -15.28
C ALA A 171 0.13 3.03 -15.74
N GLN A 172 0.23 3.22 -17.05
CA GLN A 172 1.03 4.29 -17.63
C GLN A 172 0.51 5.68 -17.28
N LEU A 173 -0.77 5.76 -16.93
CA LEU A 173 -1.34 7.02 -16.42
C LEU A 173 -1.16 7.15 -14.92
N LEU A 174 -1.06 6.03 -14.20
CA LEU A 174 -0.68 6.07 -12.81
C LEU A 174 0.73 6.62 -12.66
N SER A 175 1.68 6.05 -13.40
CA SER A 175 3.04 6.56 -13.44
C SER A 175 3.08 8.03 -13.87
N LYS A 176 2.34 8.40 -14.87
CA LYS A 176 2.35 9.75 -15.26
C LYS A 176 1.78 10.67 -14.20
N MET A 177 0.68 10.29 -13.59
CA MET A 177 0.03 11.13 -12.59
C MET A 177 0.83 11.30 -11.30
N GLU A 178 1.48 10.22 -10.90
CA GLU A 178 2.15 10.17 -9.62
C GLU A 178 3.50 10.84 -9.61
N SER A 179 4.25 10.66 -10.70
CA SER A 179 5.67 10.95 -10.63
C SER A 179 5.92 12.39 -10.23
N SER A 180 4.86 13.17 -10.07
CA SER A 180 5.04 14.51 -9.52
C SER A 180 5.53 14.44 -8.08
N LEU A 181 5.42 13.26 -7.48
CA LEU A 181 5.74 13.06 -6.07
C LEU A 181 7.23 13.03 -5.78
N ILE A 182 7.69 13.99 -5.00
CA ILE A 182 8.97 13.91 -4.30
C ILE A 182 8.68 13.64 -2.82
N PRO A 183 9.35 12.63 -2.24
CA PRO A 183 9.14 12.39 -0.82
C PRO A 183 9.27 13.66 0.02
N ALA A 184 10.41 14.34 -0.11
CA ALA A 184 10.64 15.54 0.68
C ALA A 184 9.87 16.70 0.06
N ALA A 185 8.55 16.64 0.19
CA ALA A 185 7.67 17.70 -0.27
C ALA A 185 6.77 18.04 0.90
N VAL A 186 6.55 17.03 1.72
CA VAL A 186 5.55 17.00 2.78
C VAL A 186 6.05 17.73 4.02
N PHE A 187 7.30 18.24 3.92
CA PHE A 187 7.95 18.88 5.06
C PHE A 187 8.39 20.31 4.79
N MET A 188 7.79 20.94 3.77
CA MET A 188 7.84 22.38 3.60
C MET A 188 6.59 22.89 2.89
N PRO A 189 5.64 23.45 3.65
CA PRO A 189 4.36 23.94 3.12
C PRO A 189 4.47 25.19 2.26
N TRP A 190 5.68 25.49 1.79
CA TRP A 190 5.90 26.50 0.77
C TRP A 190 6.10 25.85 -0.59
N LEU A 191 6.61 24.62 -0.56
CA LEU A 191 6.87 23.85 -1.78
C LEU A 191 5.60 23.37 -2.46
N LEU A 192 4.44 23.74 -1.91
CA LEU A 192 3.16 23.57 -2.59
C LEU A 192 3.16 24.46 -3.83
N ARG A 193 4.21 25.29 -3.90
CA ARG A 193 4.45 26.24 -4.98
C ARG A 193 5.88 26.08 -5.47
N LEU A 196 3.94 23.53 -12.19
CA LEU A 196 5.08 22.75 -11.73
C LEU A 196 5.67 21.95 -12.89
N PRO A 197 6.97 21.56 -12.78
CA PRO A 197 7.47 21.00 -14.02
C PRO A 197 6.73 19.69 -14.22
N GLN A 198 5.79 19.42 -13.31
CA GLN A 198 5.11 18.14 -13.35
C GLN A 198 3.61 18.16 -13.13
N SER A 199 3.06 19.25 -12.60
CA SER A 199 1.62 19.31 -12.48
C SER A 199 1.12 19.18 -13.91
N ALA A 200 1.79 19.91 -14.81
CA ALA A 200 1.37 19.99 -16.20
C ALA A 200 1.82 18.77 -16.97
N ARG A 201 1.89 17.64 -16.27
CA ARG A 201 1.68 16.36 -16.90
C ARG A 201 0.67 15.57 -16.06
N CYS A 202 0.48 16.02 -14.83
CA CYS A 202 -0.40 15.31 -13.91
C CYS A 202 -1.86 15.66 -14.24
N ARG A 203 -2.14 16.95 -14.39
CA ARG A 203 -3.49 17.35 -14.76
C ARG A 203 -3.87 16.86 -16.16
N GLU A 204 -2.88 16.69 -17.04
CA GLU A 204 -3.16 16.17 -18.38
C GLU A 204 -3.56 14.70 -18.33
N ALA A 205 -2.86 13.92 -17.51
CA ALA A 205 -3.15 12.50 -17.39
C ALA A 205 -4.46 12.26 -16.64
N ARG A 206 -4.82 13.20 -15.76
CA ARG A 206 -6.09 13.12 -15.05
C ARG A 206 -7.24 13.49 -15.98
N ALA A 207 -7.11 14.64 -16.63
CA ALA A 207 -8.16 15.14 -17.51
C ALA A 207 -8.34 14.26 -18.74
N GLU A 208 -7.29 13.56 -19.15
CA GLU A 208 -7.43 12.55 -20.19
C GLU A 208 -8.33 11.46 -19.63
N LEU A 209 -7.96 10.97 -18.45
CA LEU A 209 -8.72 9.92 -17.78
C LEU A 209 -10.14 10.34 -17.44
N GLN A 210 -10.30 11.55 -16.88
CA GLN A 210 -11.62 11.97 -16.42
C GLN A 210 -12.60 12.15 -17.58
N LYS A 211 -12.08 12.57 -18.73
CA LYS A 211 -12.93 12.65 -19.90
C LYS A 211 -13.34 11.22 -20.29
N ILE A 212 -12.36 10.34 -20.47
CA ILE A 212 -12.65 8.97 -20.85
C ILE A 212 -13.72 8.31 -20.01
N LEU A 213 -13.71 8.59 -18.72
CA LEU A 213 -14.70 8.03 -17.81
C LEU A 213 -16.04 8.70 -18.07
N GLY A 214 -16.03 10.02 -18.21
CA GLY A 214 -17.22 10.76 -18.58
C GLY A 214 -17.91 10.13 -19.77
N GLU A 215 -17.16 9.87 -20.82
CA GLU A 215 -17.66 9.24 -22.04
C GLU A 215 -18.28 7.89 -21.74
N ILE A 216 -17.59 7.09 -20.92
CA ILE A 216 -18.06 5.78 -20.47
C ILE A 216 -19.40 5.84 -19.75
N ILE A 217 -19.66 6.96 -19.06
CA ILE A 217 -20.93 7.19 -18.38
C ILE A 217 -22.05 7.55 -19.35
N VAL A 218 -21.71 8.34 -20.37
CA VAL A 218 -22.61 8.58 -21.48
C VAL A 218 -23.19 7.23 -21.88
N ALA A 219 -22.32 6.27 -22.16
CA ALA A 219 -22.74 4.93 -22.54
C ALA A 219 -23.80 4.30 -21.63
N ARG A 220 -23.45 4.01 -20.38
CA ARG A 220 -24.26 3.17 -19.49
C ARG A 220 -25.71 3.61 -19.26
N GLU A 221 -25.93 4.91 -19.33
CA GLU A 221 -27.23 5.56 -19.17
C GLU A 221 -28.13 5.28 -20.37
N LYS A 222 -27.54 5.47 -21.54
CA LYS A 222 -28.22 5.18 -22.80
C LYS A 222 -28.08 3.69 -23.07
N GLU A 223 -27.91 2.92 -21.99
CA GLU A 223 -28.06 1.47 -22.05
C GLU A 223 -28.84 1.01 -20.82
N GLU A 224 -29.34 1.94 -20.03
CA GLU A 224 -30.03 1.57 -18.80
C GLU A 224 -31.47 1.17 -19.11
N ALA A 225 -32.18 2.02 -19.85
CA ALA A 225 -33.52 1.70 -20.33
C ALA A 225 -33.49 0.46 -21.21
N SER A 226 -32.39 0.30 -21.95
CA SER A 226 -32.18 -0.88 -22.81
C SER A 226 -32.00 -2.17 -22.01
N LYS A 227 -31.45 -2.06 -20.81
CA LYS A 227 -31.19 -3.20 -19.93
C LYS A 227 -30.41 -4.33 -20.57
N ASP A 228 -29.33 -3.99 -21.27
CA ASP A 228 -28.44 -4.96 -21.88
C ASP A 228 -27.79 -5.88 -20.85
N ASN A 229 -27.34 -5.28 -19.75
CA ASN A 229 -26.61 -6.00 -18.70
C ASN A 229 -26.88 -5.53 -17.28
N ASN A 230 -26.32 -6.27 -16.33
CA ASN A 230 -26.20 -5.83 -14.95
C ASN A 230 -24.73 -5.82 -14.55
N THR A 231 -24.23 -4.65 -14.16
CA THR A 231 -22.85 -4.52 -13.68
C THR A 231 -22.82 -3.70 -12.39
N SER A 232 -21.92 -4.05 -11.48
CA SER A 232 -21.70 -3.25 -10.29
C SER A 232 -20.21 -3.15 -9.96
N ASP A 233 -19.44 -2.54 -10.85
CA ASP A 233 -18.01 -2.33 -10.63
C ASP A 233 -17.77 -1.14 -9.71
N LEU A 234 -16.51 -0.88 -9.38
CA LEU A 234 -16.17 0.24 -8.51
C LEU A 234 -16.74 1.57 -9.01
N LEU A 235 -16.59 1.85 -10.30
CA LEU A 235 -17.14 3.07 -10.88
C LEU A 235 -18.64 3.13 -10.63
N GLY A 236 -19.36 2.16 -11.19
CA GLY A 236 -20.82 2.11 -11.08
C GLY A 236 -21.28 2.22 -9.64
N GLY A 237 -20.57 1.53 -8.76
CA GLY A 237 -20.79 1.65 -7.33
C GLY A 237 -20.76 3.10 -6.86
N LEU A 238 -19.73 3.84 -7.27
CA LEU A 238 -19.54 5.22 -6.85
C LEU A 238 -20.54 6.22 -7.45
N LEU A 239 -21.12 5.87 -8.60
CA LEU A 239 -22.12 6.71 -9.25
C LEU A 239 -23.43 6.70 -8.45
N LYS A 240 -23.84 5.50 -8.08
CA LYS A 240 -24.99 5.29 -7.21
C LYS A 240 -24.77 5.91 -5.83
N ALA A 241 -23.55 6.38 -5.58
CA ALA A 241 -23.23 6.98 -4.29
C ALA A 241 -23.97 8.28 -4.03
N VAL A 242 -24.49 8.40 -2.82
CA VAL A 242 -25.27 9.55 -2.36
C VAL A 242 -24.74 10.03 -1.02
N TYR A 243 -24.36 11.31 -0.95
CA TYR A 243 -23.88 11.90 0.30
C TYR A 243 -25.01 12.06 1.32
N ARG A 244 -24.64 12.27 2.57
CA ARG A 244 -25.60 12.48 3.66
C ARG A 244 -26.66 13.51 3.28
N ASP A 245 -26.21 14.62 2.69
CA ASP A 245 -27.12 15.69 2.33
C ASP A 245 -27.70 15.53 0.93
N GLY A 246 -27.85 14.29 0.48
CA GLY A 246 -28.58 14.01 -0.75
C GLY A 246 -27.87 14.37 -2.03
N THR A 247 -26.70 14.99 -1.94
CA THR A 247 -25.89 15.28 -3.12
C THR A 247 -25.14 14.03 -3.57
N ARG A 248 -24.45 14.15 -4.70
CA ARG A 248 -23.70 13.04 -5.28
C ARG A 248 -22.31 13.49 -5.69
N MET A 249 -21.47 12.54 -6.08
CA MET A 249 -20.10 12.84 -6.47
C MET A 249 -20.04 13.36 -7.90
N SER A 250 -19.37 14.49 -8.09
CA SER A 250 -19.10 15.01 -9.43
C SER A 250 -18.14 14.07 -10.16
N LEU A 251 -18.10 14.17 -11.49
CA LEU A 251 -17.15 13.36 -12.26
C LEU A 251 -15.75 13.50 -11.66
N HIS A 252 -15.41 14.70 -11.21
CA HIS A 252 -14.07 14.97 -10.69
C HIS A 252 -13.78 14.19 -9.40
N GLU A 253 -14.71 14.22 -8.46
CA GLU A 253 -14.56 13.44 -7.24
C GLU A 253 -14.46 11.97 -7.58
N VAL A 254 -15.37 11.50 -8.45
CA VAL A 254 -15.40 10.08 -8.81
C VAL A 254 -14.09 9.65 -9.43
N CYS A 255 -13.60 10.43 -10.41
CA CYS A 255 -12.34 10.15 -11.04
C CYS A 255 -11.23 10.00 -10.00
N GLY A 256 -11.10 10.99 -9.12
CA GLY A 256 -10.09 10.98 -8.08
C GLY A 256 -10.13 9.76 -7.17
N MET A 257 -11.34 9.39 -6.74
CA MET A 257 -11.54 8.22 -5.91
C MET A 257 -11.06 6.93 -6.58
N ILE A 258 -11.34 6.80 -7.88
CA ILE A 258 -10.88 5.64 -8.63
C ILE A 258 -9.36 5.67 -8.74
N VAL A 259 -8.80 6.84 -8.98
CA VAL A 259 -7.36 7.04 -8.95
C VAL A 259 -6.79 6.69 -7.58
N ALA A 260 -7.32 7.31 -6.53
CA ALA A 260 -6.93 7.02 -5.15
C ALA A 260 -6.96 5.53 -4.80
N ALA A 261 -8.07 4.85 -5.10
CA ALA A 261 -8.15 3.41 -4.87
C ALA A 261 -7.01 2.69 -5.59
N MET A 262 -6.71 3.12 -6.81
CA MET A 262 -5.83 2.39 -7.70
C MET A 262 -4.35 2.64 -7.43
N PHE A 263 -4.01 3.89 -7.18
CA PHE A 263 -2.67 4.22 -6.73
C PHE A 263 -2.44 3.55 -5.37
N ALA A 264 -3.44 3.65 -4.50
CA ALA A 264 -3.34 3.08 -3.16
C ALA A 264 -2.79 1.66 -3.20
N GLY A 265 -3.37 0.81 -4.04
CA GLY A 265 -3.02 -0.61 -4.05
C GLY A 265 -1.85 -0.92 -4.96
N GLN A 266 -1.54 -0.03 -5.89
CA GLN A 266 -0.56 -0.33 -6.95
C GLN A 266 0.81 -0.79 -6.47
N HIS A 267 1.60 0.10 -5.87
CA HIS A 267 2.94 -0.28 -5.41
C HIS A 267 2.90 -1.18 -4.18
N THR A 268 2.05 -0.85 -3.22
CA THR A 268 2.04 -1.55 -1.95
C THR A 268 1.93 -3.06 -2.16
N SER A 269 0.93 -3.50 -2.89
CA SER A 269 0.77 -4.94 -3.06
C SER A 269 1.75 -5.59 -4.03
N THR A 270 2.18 -4.86 -5.06
CA THR A 270 3.20 -5.40 -5.95
C THR A 270 4.54 -5.59 -5.23
N ILE A 271 4.92 -4.65 -4.37
CA ILE A 271 6.05 -4.87 -3.48
C ILE A 271 5.79 -6.08 -2.59
N THR A 272 4.61 -6.10 -1.97
CA THR A 272 4.25 -7.16 -1.05
C THR A 272 4.34 -8.54 -1.70
N THR A 273 3.82 -8.65 -2.92
CA THR A 273 3.85 -9.89 -3.67
C THR A 273 5.29 -10.29 -4.01
N SER A 274 6.08 -9.32 -4.44
CA SER A 274 7.49 -9.53 -4.72
C SER A 274 8.26 -10.09 -3.52
N TRP A 275 8.26 -9.37 -2.42
CA TRP A 275 9.02 -9.80 -1.24
C TRP A 275 8.62 -11.22 -0.89
N SER A 276 7.32 -11.50 -0.87
CA SER A 276 6.85 -12.83 -0.49
C SER A 276 7.49 -13.86 -1.41
N MET A 277 7.37 -13.62 -2.71
CA MET A 277 7.95 -14.50 -3.73
C MET A 277 9.44 -14.65 -3.47
N LEU A 278 10.10 -13.53 -3.20
CA LEU A 278 11.55 -13.54 -3.01
C LEU A 278 11.92 -14.43 -1.81
N HIS A 279 11.31 -14.16 -0.66
CA HIS A 279 11.54 -14.96 0.53
C HIS A 279 11.33 -16.44 0.24
N LEU A 280 10.15 -16.78 -0.28
CA LEU A 280 9.77 -18.17 -0.48
C LEU A 280 10.68 -18.94 -1.43
N MET A 281 11.16 -18.28 -2.48
CA MET A 281 11.94 -18.93 -3.54
C MET A 281 13.38 -19.20 -3.10
N HIS A 282 13.77 -18.58 -2.00
CA HIS A 282 15.11 -18.73 -1.41
C HIS A 282 15.28 -20.11 -0.80
N PRO A 283 16.46 -20.72 -0.98
CA PRO A 283 16.69 -22.06 -0.46
C PRO A 283 16.67 -22.10 1.06
N LYS A 284 17.08 -21.00 1.70
CA LYS A 284 17.01 -20.89 3.15
C LYS A 284 15.58 -21.09 3.65
N ASN A 285 14.62 -20.94 2.75
CA ASN A 285 13.20 -20.90 3.09
C ASN A 285 12.36 -22.02 2.49
N LYS A 286 12.96 -23.17 2.19
CA LYS A 286 12.27 -24.27 1.52
C LYS A 286 11.16 -24.92 2.34
N LYS A 287 11.42 -25.13 3.63
CA LYS A 287 10.44 -25.71 4.55
C LYS A 287 9.13 -24.94 4.49
N TRP A 288 9.27 -23.62 4.35
CA TRP A 288 8.12 -22.73 4.29
C TRP A 288 7.41 -22.93 2.96
N LEU A 289 8.17 -22.94 1.87
CA LEU A 289 7.66 -23.32 0.57
C LEU A 289 7.01 -24.71 0.56
N ASP A 290 7.66 -25.65 1.23
CA ASP A 290 7.11 -26.99 1.45
C ASP A 290 5.76 -26.95 2.15
N LYS A 291 5.70 -26.22 3.27
CA LYS A 291 4.44 -26.06 3.99
C LYS A 291 3.45 -25.28 3.12
N LEU A 292 3.96 -24.44 2.23
CA LEU A 292 3.12 -23.71 1.30
C LEU A 292 2.49 -24.65 0.29
N HIS A 293 3.22 -25.72 -0.04
CA HIS A 293 2.72 -26.68 -1.03
C HIS A 293 1.69 -27.64 -0.44
N LYS A 294 1.94 -28.11 0.78
CA LYS A 294 1.00 -28.99 1.46
C LYS A 294 -0.30 -28.25 1.75
N GLU A 295 -0.33 -26.96 1.43
CA GLU A 295 -1.55 -26.15 1.54
C GLU A 295 -2.25 -25.96 0.20
N ILE A 296 -1.48 -25.73 -0.87
CA ILE A 296 -2.06 -25.48 -2.18
C ILE A 296 -2.02 -26.70 -3.10
N ASP A 297 -1.82 -27.88 -2.53
CA ASP A 297 -1.58 -29.09 -3.33
C ASP A 297 -2.82 -29.83 -3.82
N GLU A 298 -3.90 -29.81 -3.03
CA GLU A 298 -5.12 -30.51 -3.40
C GLU A 298 -6.23 -29.53 -3.80
N PHE A 299 -5.83 -28.28 -4.02
CA PHE A 299 -6.68 -27.32 -4.71
C PHE A 299 -6.75 -27.66 -6.19
N PRO A 300 -7.92 -27.41 -6.81
CA PRO A 300 -8.09 -27.55 -8.24
C PRO A 300 -7.60 -26.31 -8.99
N ALA A 301 -7.33 -26.47 -10.29
CA ALA A 301 -6.73 -25.39 -11.06
C ALA A 301 -7.62 -24.16 -11.14
N GLN A 302 -8.85 -24.27 -10.63
CA GLN A 302 -9.71 -23.10 -10.55
C GLN A 302 -10.26 -22.88 -9.13
N LEU A 303 -9.79 -21.81 -8.50
CA LEU A 303 -10.09 -21.54 -7.09
C LEU A 303 -11.38 -20.75 -6.93
N ASN A 304 -12.13 -21.11 -5.90
CA ASN A 304 -13.29 -20.33 -5.48
C ASN A 304 -12.92 -19.42 -4.31
N TYR A 305 -13.81 -18.47 -4.02
CA TYR A 305 -13.64 -17.55 -2.90
C TYR A 305 -13.34 -18.27 -1.58
N ASP A 306 -13.99 -19.41 -1.33
CA ASP A 306 -13.72 -20.22 -0.15
C ASP A 306 -12.24 -20.58 -0.05
N ASN A 307 -11.68 -21.09 -1.15
CA ASN A 307 -10.31 -21.58 -1.21
C ASN A 307 -9.28 -20.63 -0.62
N VAL A 308 -9.25 -19.40 -1.12
CA VAL A 308 -8.29 -18.40 -0.71
C VAL A 308 -8.57 -17.88 0.70
N MET A 309 -9.84 -17.59 0.98
CA MET A 309 -10.26 -16.98 2.24
C MET A 309 -10.10 -17.86 3.47
N ASP A 310 -10.63 -19.08 3.44
CA ASP A 310 -10.73 -19.91 4.64
C ASP A 310 -9.74 -21.07 4.73
N GLU A 311 -8.95 -21.27 3.69
CA GLU A 311 -8.15 -22.50 3.57
C GLU A 311 -6.69 -22.24 3.20
N MET A 312 -6.31 -20.98 3.22
CA MET A 312 -4.93 -20.58 2.96
C MET A 312 -4.31 -19.82 4.14
N PRO A 313 -4.56 -20.25 5.38
CA PRO A 313 -4.13 -19.45 6.52
C PRO A 313 -2.61 -19.27 6.61
N PHE A 314 -1.85 -20.27 6.21
CA PHE A 314 -0.39 -20.18 6.24
C PHE A 314 0.14 -19.16 5.23
N ALA A 315 -0.45 -19.12 4.04
CA ALA A 315 0.00 -18.19 3.02
C ALA A 315 -0.26 -16.75 3.45
N GLU A 316 -1.32 -16.59 4.25
CA GLU A 316 -1.62 -15.30 4.85
C GLU A 316 -0.45 -14.89 5.75
N ARG A 317 0.08 -15.84 6.52
CA ARG A 317 1.19 -15.54 7.41
C ARG A 317 2.43 -15.03 6.68
N CYS A 318 2.69 -15.64 5.52
CA CYS A 318 3.84 -15.28 4.71
C CYS A 318 3.76 -13.84 4.22
N VAL A 319 2.56 -13.47 3.76
CA VAL A 319 2.31 -12.12 3.25
C VAL A 319 2.41 -11.07 4.34
N ARG A 320 1.86 -11.35 5.52
CA ARG A 320 1.96 -10.49 6.69
C ARG A 320 3.40 -10.37 7.19
N GLU A 321 4.14 -11.48 7.18
CA GLU A 321 5.53 -11.45 7.62
C GLU A 321 6.36 -10.63 6.63
N SER A 322 6.07 -10.78 5.35
CA SER A 322 6.74 -9.95 4.35
C SER A 322 6.47 -8.48 4.67
N ILE A 323 5.22 -8.16 5.00
CA ILE A 323 4.86 -6.77 5.25
C ILE A 323 5.48 -6.34 6.57
N ARG A 324 5.57 -7.29 7.51
CA ARG A 324 6.16 -7.01 8.80
C ARG A 324 7.63 -6.66 8.62
N ARG A 325 8.35 -7.55 7.93
CA ARG A 325 9.79 -7.42 7.82
C ARG A 325 10.17 -6.16 7.05
N ASP A 326 9.51 -5.93 5.92
CA ASP A 326 9.80 -4.78 5.08
C ASP A 326 8.52 -4.02 4.75
N PRO A 327 8.04 -3.24 5.72
CA PRO A 327 6.83 -2.45 5.45
C PRO A 327 7.09 -1.55 4.25
N PRO A 328 6.09 -1.42 3.37
CA PRO A 328 6.11 -0.55 2.19
C PRO A 328 5.88 0.93 2.52
N LEU A 329 5.04 1.20 3.52
CA LEU A 329 4.89 2.55 4.03
C LEU A 329 5.60 2.63 5.37
N LEU A 330 6.69 3.41 5.42
CA LEU A 330 7.59 3.41 6.57
C LEU A 330 7.11 4.33 7.67
N MET A 331 6.48 5.43 7.26
CA MET A 331 6.03 6.39 8.24
C MET A 331 4.56 6.63 7.95
N VAL A 332 3.80 6.73 9.02
CA VAL A 332 2.44 7.24 8.95
C VAL A 332 2.52 8.52 9.76
N MET A 333 1.76 9.53 9.36
CA MET A 333 1.94 10.84 9.99
C MET A 333 0.65 11.59 10.24
N ARG A 334 0.73 12.51 11.20
CA ARG A 334 -0.39 13.37 11.53
C ARG A 334 0.14 14.74 11.93
N MET A 335 -0.78 15.71 11.96
CA MET A 335 -0.45 17.03 12.46
C MET A 335 -1.09 17.22 13.84
N VAL A 336 -0.25 17.53 14.82
CA VAL A 336 -0.70 17.61 16.19
C VAL A 336 -1.45 18.92 16.40
N LYS A 337 -2.72 18.91 16.03
CA LYS A 337 -3.54 20.08 16.24
C LYS A 337 -3.64 20.40 17.74
N ALA A 338 -3.89 19.38 18.55
CA ALA A 338 -3.96 19.59 20.00
C ALA A 338 -2.95 18.73 20.75
N GLU A 339 -2.65 19.11 21.99
CA GLU A 339 -1.73 18.35 22.84
C GLU A 339 -2.24 16.93 23.06
N VAL A 340 -1.36 15.94 22.91
CA VAL A 340 -1.68 14.55 23.20
C VAL A 340 -0.59 13.91 24.06
N LYS A 341 -0.98 13.31 25.17
CA LYS A 341 -0.01 12.65 26.03
C LYS A 341 0.41 11.31 25.42
N VAL A 342 1.72 11.06 25.39
CA VAL A 342 2.25 9.80 24.88
C VAL A 342 3.18 9.17 25.92
N GLY A 343 2.76 8.05 26.49
CA GLY A 343 3.53 7.39 27.55
C GLY A 343 3.73 8.37 28.69
N SER A 344 4.98 8.70 28.97
CA SER A 344 5.25 9.70 30.00
C SER A 344 5.64 11.05 29.41
N TYR A 345 5.22 11.29 28.17
CA TYR A 345 5.52 12.57 27.54
C TYR A 345 4.26 13.35 27.16
N VAL A 346 4.45 14.55 26.61
CA VAL A 346 3.36 15.29 26.02
C VAL A 346 3.80 15.69 24.61
N VAL A 347 2.84 15.90 23.72
CA VAL A 347 3.14 16.41 22.39
C VAL A 347 2.43 17.73 22.14
N PRO A 348 3.20 18.81 21.95
CA PRO A 348 2.66 20.16 21.85
C PRO A 348 1.91 20.39 20.55
N LYS A 349 0.87 21.21 20.61
CA LYS A 349 0.14 21.61 19.42
C LYS A 349 1.15 22.17 18.42
N GLY A 350 1.12 21.67 17.19
CA GLY A 350 2.02 22.15 16.16
C GLY A 350 3.12 21.19 15.75
N ASP A 351 3.29 20.12 16.52
CA ASP A 351 4.29 19.12 16.17
C ASP A 351 3.84 18.28 14.98
N ILE A 352 4.79 17.59 14.35
CA ILE A 352 4.46 16.49 13.45
C ILE A 352 4.69 15.18 14.18
N ILE A 353 3.61 14.47 14.49
CA ILE A 353 3.73 13.16 15.09
C ILE A 353 3.70 12.07 14.02
N ALA A 354 4.65 11.15 14.09
CA ALA A 354 4.74 10.06 13.13
C ALA A 354 4.73 8.72 13.85
N CYS A 355 4.31 7.67 13.17
CA CYS A 355 4.43 6.32 13.72
C CYS A 355 4.97 5.42 12.62
N SER A 356 6.09 4.75 12.92
CA SER A 356 6.84 4.08 11.88
C SER A 356 6.69 2.57 11.96
N PRO A 357 5.89 2.00 11.04
CA PRO A 357 5.90 0.56 10.81
C PRO A 357 7.31 0.02 10.66
N LEU A 358 8.17 0.74 9.95
CA LEU A 358 9.56 0.29 9.77
C LEU A 358 10.31 0.16 11.10
N LEU A 359 10.28 1.22 11.91
CA LEU A 359 10.95 1.18 13.20
C LEU A 359 10.32 0.12 14.09
N SER A 360 9.01 0.28 14.32
CA SER A 360 8.22 -0.62 15.16
C SER A 360 8.43 -2.10 14.88
N HIS A 361 8.37 -2.50 13.62
CA HIS A 361 8.43 -3.91 13.30
C HIS A 361 9.81 -4.45 13.62
N HIS A 362 10.63 -3.58 14.19
CA HIS A 362 12.02 -3.94 14.40
C HIS A 362 12.42 -3.96 15.87
N ASP A 363 11.55 -3.43 16.70
CA ASP A 363 11.69 -3.55 18.14
C ASP A 363 11.91 -5.01 18.50
N GLU A 364 12.91 -5.30 19.34
CA GLU A 364 13.28 -6.68 19.62
C GLU A 364 12.31 -7.45 20.50
N GLU A 365 11.70 -6.75 21.47
CA GLU A 365 10.70 -7.36 22.34
C GLU A 365 9.59 -7.94 21.46
N ALA A 366 8.98 -7.06 20.68
CA ALA A 366 7.89 -7.43 19.79
C ALA A 366 8.37 -8.44 18.74
N PHE A 367 9.46 -8.11 18.05
CA PHE A 367 9.97 -9.01 17.03
C PHE A 367 11.45 -9.36 17.22
N PRO A 368 11.72 -10.51 17.83
CA PRO A 368 13.05 -11.10 17.91
C PRO A 368 13.58 -11.48 16.54
N ASN A 369 14.86 -11.23 16.31
CA ASN A 369 15.45 -11.52 15.01
C ASN A 369 14.72 -10.72 13.94
N PRO A 370 14.50 -9.41 14.19
CA PRO A 370 13.56 -8.75 13.29
C PRO A 370 13.88 -8.85 11.81
N ARG A 371 15.14 -9.09 11.44
CA ARG A 371 15.48 -9.25 10.03
C ARG A 371 15.26 -10.67 9.52
N LEU A 372 15.03 -11.63 10.42
CA LEU A 372 14.72 -13.00 10.00
C LEU A 372 13.25 -13.08 9.57
N TRP A 373 13.02 -13.62 8.38
CA TRP A 373 11.66 -13.84 7.87
C TRP A 373 11.10 -15.11 8.49
N ASP A 374 10.09 -14.93 9.35
CA ASP A 374 9.46 -16.07 10.02
C ASP A 374 7.94 -15.93 9.98
N PRO A 375 7.31 -16.68 9.07
CA PRO A 375 5.88 -16.56 8.84
C PRO A 375 5.08 -17.13 10.01
N GLU A 376 5.70 -18.00 10.80
CA GLU A 376 5.03 -18.56 11.97
C GLU A 376 5.29 -17.73 13.23
N ARG A 377 6.06 -16.65 13.11
CA ARG A 377 6.22 -15.74 14.25
C ARG A 377 4.91 -15.01 14.56
N ASP A 378 4.76 -14.58 15.81
CA ASP A 378 3.60 -13.81 16.25
C ASP A 378 4.08 -12.63 17.08
N GLU A 379 3.50 -11.46 16.88
CA GLU A 379 3.88 -10.27 17.64
C GLU A 379 3.84 -10.54 19.13
N LYS A 380 4.88 -10.13 19.85
CA LYS A 380 4.98 -10.45 21.27
C LYS A 380 4.65 -9.25 22.16
N VAL A 381 4.30 -8.14 21.51
CA VAL A 381 3.57 -7.07 22.16
C VAL A 381 2.34 -6.97 21.25
N ASP A 382 1.17 -6.81 21.84
CA ASP A 382 -0.06 -6.80 21.06
C ASP A 382 -0.27 -5.44 20.42
N GLY A 383 -0.30 -5.41 19.09
CA GLY A 383 -0.42 -4.17 18.34
C GLY A 383 0.90 -3.75 17.72
N ALA A 384 1.95 -4.50 18.01
CA ALA A 384 3.26 -4.20 17.44
C ALA A 384 3.17 -3.98 15.93
N PHE A 385 2.47 -4.88 15.24
CA PHE A 385 2.38 -4.79 13.78
C PHE A 385 1.35 -3.78 13.33
N ILE A 386 1.80 -2.80 12.55
CA ILE A 386 0.93 -1.75 12.06
C ILE A 386 1.14 -1.55 10.57
N GLY A 387 1.48 -2.64 9.89
CA GLY A 387 1.73 -2.64 8.45
C GLY A 387 0.54 -2.19 7.62
N PHE A 388 -0.66 -2.37 8.16
CA PHE A 388 -1.86 -1.84 7.51
C PHE A 388 -2.42 -0.66 8.31
N GLY A 389 -1.63 -0.14 9.23
CA GLY A 389 -2.10 0.95 10.08
C GLY A 389 -3.00 0.40 11.16
N ALA A 390 -3.74 1.28 11.83
CA ALA A 390 -4.51 0.86 12.99
C ALA A 390 -5.48 1.96 13.37
N GLY A 391 -6.35 1.63 14.33
CA GLY A 391 -7.34 2.55 14.86
C GLY A 391 -8.27 3.17 13.82
N VAL A 392 -8.39 4.49 13.93
CA VAL A 392 -9.31 5.28 13.13
C VAL A 392 -9.02 5.15 11.64
N HIS A 393 -7.76 4.90 11.31
CA HIS A 393 -7.30 4.90 9.92
C HIS A 393 -6.76 3.57 9.41
N LYS A 394 -7.26 2.44 9.90
CA LYS A 394 -6.80 1.15 9.40
C LYS A 394 -7.09 0.99 7.92
N CYS A 395 -6.22 0.35 7.15
CA CYS A 395 -6.35 0.35 5.72
C CYS A 395 -7.66 -0.28 5.40
N ILE A 396 -8.31 0.17 4.34
CA ILE A 396 -9.57 -0.41 3.90
C ILE A 396 -9.31 -1.41 2.78
N GLY A 397 -8.09 -1.40 2.26
CA GLY A 397 -7.70 -2.26 1.15
C GLY A 397 -7.06 -3.56 1.61
N GLN A 398 -6.94 -3.70 2.92
CA GLN A 398 -6.25 -4.86 3.50
C GLN A 398 -6.81 -6.18 2.96
N LYS A 399 -8.10 -6.42 3.15
CA LYS A 399 -8.71 -7.68 2.75
C LYS A 399 -8.39 -7.94 1.28
N PHE A 400 -8.55 -6.90 0.47
CA PHE A 400 -8.41 -7.01 -0.98
C PHE A 400 -6.97 -7.31 -1.37
N ALA A 401 -6.06 -6.56 -0.76
CA ALA A 401 -4.63 -6.74 -1.03
C ALA A 401 -4.24 -8.18 -0.78
N LEU A 402 -4.64 -8.69 0.38
CA LEU A 402 -4.34 -10.08 0.74
C LEU A 402 -5.02 -11.05 -0.20
N LEU A 403 -6.26 -10.77 -0.58
CA LEU A 403 -6.96 -11.68 -1.49
C LEU A 403 -6.14 -11.84 -2.77
N GLN A 404 -5.71 -10.73 -3.36
CA GLN A 404 -4.87 -10.78 -4.56
C GLN A 404 -3.64 -11.61 -4.30
N VAL A 405 -2.83 -11.16 -3.35
CA VAL A 405 -1.50 -11.72 -3.15
C VAL A 405 -1.55 -13.20 -2.85
N LYS A 406 -2.46 -13.60 -1.96
CA LYS A 406 -2.62 -15.02 -1.69
C LYS A 406 -2.91 -15.78 -2.98
N THR A 407 -3.87 -15.29 -3.77
CA THR A 407 -4.24 -15.96 -5.00
C THR A 407 -3.06 -16.02 -5.96
N ILE A 408 -2.36 -14.90 -6.10
CA ILE A 408 -1.21 -14.84 -7.00
C ILE A 408 -0.16 -15.88 -6.62
N LEU A 409 0.38 -15.79 -5.41
CA LEU A 409 1.37 -16.78 -4.99
C LEU A 409 0.89 -18.18 -5.33
N ALA A 410 -0.35 -18.49 -4.95
CA ALA A 410 -0.90 -19.82 -5.16
C ALA A 410 -0.95 -20.24 -6.62
N THR A 411 -1.52 -19.41 -7.47
CA THR A 411 -1.53 -19.66 -8.92
C THR A 411 -0.11 -19.81 -9.46
N ALA A 412 0.77 -18.89 -9.08
CA ALA A 412 2.11 -18.83 -9.64
C ALA A 412 3.07 -19.90 -9.11
N PHE A 413 2.82 -20.37 -7.89
CA PHE A 413 3.63 -21.44 -7.32
C PHE A 413 3.02 -22.81 -7.62
N ARG A 414 1.84 -22.82 -8.22
CA ARG A 414 1.22 -24.06 -8.67
C ARG A 414 1.79 -24.51 -10.02
N GLU A 415 2.13 -23.55 -10.87
CA GLU A 415 2.53 -23.84 -12.25
C GLU A 415 4.00 -23.55 -12.55
N TYR A 416 4.75 -23.12 -11.53
CA TYR A 416 6.17 -22.81 -11.69
C TYR A 416 6.99 -23.11 -10.43
N ASP A 417 8.29 -23.24 -10.61
CA ASP A 417 9.27 -23.11 -9.52
C ASP A 417 10.02 -21.81 -9.75
N PHE A 418 10.82 -21.37 -8.77
CA PHE A 418 11.63 -20.17 -8.97
C PHE A 418 13.02 -20.26 -8.36
N GLN A 419 13.92 -19.44 -8.90
CA GLN A 419 15.28 -19.34 -8.39
C GLN A 419 15.81 -17.91 -8.42
N LEU A 420 16.21 -17.41 -7.25
CA LEU A 420 16.80 -16.09 -7.17
C LEU A 420 18.19 -16.12 -7.79
N LEU A 421 18.44 -15.23 -8.73
CA LEU A 421 19.77 -15.15 -9.34
C LEU A 421 20.67 -14.32 -8.43
N ARG A 422 20.83 -14.80 -7.21
CA ARG A 422 21.57 -14.06 -6.20
C ARG A 422 21.78 -14.95 -4.98
N ASP A 423 22.60 -14.48 -4.06
CA ASP A 423 22.86 -15.18 -2.81
C ASP A 423 21.92 -14.74 -1.68
N GLU A 424 21.67 -13.44 -1.58
CA GLU A 424 20.79 -12.90 -0.55
C GLU A 424 19.59 -12.16 -1.12
N VAL A 425 18.45 -12.23 -0.42
CA VAL A 425 17.24 -11.49 -0.76
C VAL A 425 17.54 -10.00 -0.89
N PRO A 426 16.97 -9.32 -1.90
CA PRO A 426 17.21 -7.90 -2.12
C PRO A 426 17.28 -7.04 -0.88
N ASP A 427 18.01 -5.93 -0.97
CA ASP A 427 17.96 -4.91 0.06
C ASP A 427 16.79 -3.99 -0.22
N PRO A 428 16.08 -3.58 0.84
CA PRO A 428 15.09 -2.52 0.68
C PRO A 428 15.76 -1.27 0.11
N ASP A 429 15.05 -0.66 -0.84
CA ASP A 429 15.46 0.56 -1.49
C ASP A 429 14.69 1.71 -0.85
N TYR A 430 15.37 2.53 -0.05
CA TYR A 430 14.66 3.52 0.75
C TYR A 430 14.46 4.89 0.10
N HIS A 431 14.57 4.96 -1.22
CA HIS A 431 14.56 6.22 -1.97
C HIS A 431 13.17 6.71 -2.38
N THR A 432 12.22 5.78 -2.47
CA THR A 432 10.87 6.09 -2.91
C THR A 432 9.94 6.26 -1.71
N MET A 433 8.90 7.07 -1.86
CA MET A 433 7.95 7.29 -0.77
C MET A 433 7.23 6.00 -0.36
N VAL A 434 7.17 5.07 -1.30
CA VAL A 434 6.67 3.72 -1.04
C VAL A 434 7.81 2.75 -1.34
N VAL A 435 8.36 2.12 -0.30
CA VAL A 435 9.57 1.32 -0.40
C VAL A 435 9.33 -0.15 -0.75
N GLY A 436 10.11 -0.68 -1.68
CA GLY A 436 10.12 -2.11 -1.97
C GLY A 436 11.54 -2.63 -2.14
N PRO A 437 11.67 -3.92 -2.50
CA PRO A 437 13.03 -4.44 -2.65
C PRO A 437 13.74 -3.77 -3.81
N THR A 438 15.07 -3.77 -3.79
CA THR A 438 15.82 -3.05 -4.81
C THR A 438 15.52 -3.61 -6.19
N LEU A 439 15.20 -2.72 -7.12
CA LEU A 439 14.79 -3.12 -8.46
C LEU A 439 15.84 -3.99 -9.13
N ASN A 440 17.06 -3.47 -9.26
CA ASN A 440 18.12 -4.14 -10.01
C ASN A 440 18.64 -5.45 -9.40
N GLN A 441 18.04 -5.87 -8.29
CA GLN A 441 18.44 -7.10 -7.60
C GLN A 441 17.41 -8.20 -7.80
N CYS A 442 16.25 -7.82 -8.35
CA CYS A 442 15.08 -8.69 -8.43
C CYS A 442 15.03 -9.65 -9.60
N LEU A 443 16.11 -9.70 -10.39
CA LEU A 443 16.18 -10.64 -11.50
C LEU A 443 16.17 -12.08 -10.97
N VAL A 444 15.23 -12.88 -11.48
CA VAL A 444 14.93 -14.20 -10.97
C VAL A 444 14.73 -15.14 -12.16
N LYS A 445 14.91 -16.44 -11.96
CA LYS A 445 14.79 -17.42 -13.04
C LYS A 445 13.75 -18.50 -12.77
N TYR A 446 12.68 -18.51 -13.58
CA TYR A 446 11.59 -19.46 -13.42
C TYR A 446 11.83 -20.78 -14.13
N THR A 447 11.24 -21.84 -13.59
CA THR A 447 11.25 -23.16 -14.21
C THR A 447 9.82 -23.70 -14.25
N ARG A 448 9.22 -23.70 -15.45
CA ARG A 448 7.87 -24.20 -15.62
C ARG A 448 7.78 -25.63 -15.09
N LYS A 449 6.97 -25.83 -14.05
CA LYS A 449 6.76 -27.17 -13.51
C LYS A 449 6.15 -28.07 -14.58
N LYS A 450 6.35 -29.37 -14.42
CA LYS A 450 5.85 -30.36 -15.37
C LYS A 450 5.76 -31.71 -14.67
N LYS A 451 5.06 -32.65 -15.30
CA LYS A 451 4.99 -34.02 -14.83
C LYS A 451 5.13 -34.98 -16.01
CHA HEM B . -4.76 3.01 4.89
CHB HEM B . -0.90 0.09 3.97
CHC HEM B . -3.28 -1.66 0.18
CHD HEM B . -6.42 2.09 0.49
C1A HEM B . -3.53 2.37 4.93
C2A HEM B . -2.51 2.69 5.85
C3A HEM B . -1.44 1.88 5.62
C4A HEM B . -1.74 1.04 4.52
CMA HEM B . -0.16 1.91 6.42
CAA HEM B . -2.63 3.72 6.93
CBA HEM B . -1.94 5.04 6.59
CGA HEM B . -2.21 5.98 7.73
O1A HEM B . -2.40 5.54 8.88
O2A HEM B . -2.23 7.20 7.52
C1B HEM B . -1.28 -0.69 2.88
C2B HEM B . -0.51 -1.82 2.45
C3B HEM B . -1.19 -2.33 1.38
C4B HEM B . -2.35 -1.43 1.21
CMB HEM B . 0.77 -2.32 3.07
CAB HEM B . -0.89 -3.48 0.51
CBB HEM B . -0.33 -4.59 0.99
C1C HEM B . -4.36 -0.82 -0.11
C2C HEM B . -5.35 -0.98 -1.09
C3C HEM B . -6.24 0.08 -1.00
C4C HEM B . -5.81 0.92 0.06
CMC HEM B . -5.44 -2.12 -2.09
CAC HEM B . -7.43 0.37 -1.83
CBC HEM B . -8.19 -0.62 -2.28
C1D HEM B . -6.21 2.57 1.80
C2D HEM B . -7.18 3.53 2.33
C3D HEM B . -6.71 3.80 3.58
C4D HEM B . -5.50 2.97 3.72
CMD HEM B . -8.39 4.10 1.66
CAD HEM B . -7.41 4.73 4.54
CBD HEM B . -6.51 5.60 5.40
CGD HEM B . -7.48 6.60 5.97
O1D HEM B . -7.29 7.80 5.70
O2D HEM B . -8.45 6.23 6.66
NA HEM B . -3.01 1.41 4.08
NB HEM B . -2.34 -0.45 2.11
NC HEM B . -4.66 0.35 0.56
ND HEM B . -5.20 2.27 2.61
FE HEM B . -3.84 0.98 2.36
CAM UDO C . 3.20 10.00 3.60
CAO UDO C . 4.48 10.35 3.99
CBB UDO C . 5.54 9.47 3.77
CBF UDO C . 6.83 9.83 4.16
FAC UDO C . 6.78 10.62 5.23
FAD UDO C . 7.44 10.48 3.17
FAB UDO C . 7.50 8.73 4.46
CAP UDO C . 5.28 8.25 3.17
CAN UDO C . 4.00 7.90 2.78
CBA UDO C . 2.95 8.78 3.01
NBE UDO C . 1.69 8.49 2.64
CAU UDO C . 1.02 7.25 3.06
CAS UDO C . -0.48 7.27 2.75
CAT UDO C . 0.98 9.50 1.83
CAR UDO C . 0.13 8.79 0.77
NBD UDO C . -0.75 7.78 1.39
CAW UDO C . -1.78 7.34 0.66
OAA UDO C . -2.01 7.75 -0.47
CBC UDO C . -2.70 6.29 1.27
CAY UDO C . -4.01 6.53 0.87
CAK UDO C . -4.75 7.46 1.58
CAI UDO C . -6.06 7.75 1.21
CAX UDO C . -6.64 7.11 0.11
CLA UDO C . -8.26 7.48 -0.32
CAJ UDO C . -5.90 6.18 -0.59
CAL UDO C . -4.59 5.89 -0.22
CAZ UDO C . -2.30 5.00 0.95
CAH UDO C . -1.30 4.69 0.05
CAF UDO C . -0.95 3.38 -0.23
CAG UDO C . -1.62 2.35 0.41
NAV UDO C . -2.62 2.65 1.33
CAQ UDO C . -2.96 3.97 1.60
#